data_7WEZ
#
_entry.id   7WEZ
#
_cell.length_a   90.469
_cell.length_b   40.802
_cell.length_c   97.387
_cell.angle_alpha   90.00
_cell.angle_beta   115.57
_cell.angle_gamma   90.00
#
_symmetry.space_group_name_H-M   'C 1 2 1'
#
loop_
_entity.id
_entity.type
_entity.pdbx_description
1 polymer 'RNA-binding protein, putative'
2 non-polymer 'MAGNESIUM ION'
3 water water
#
_entity_poly.entity_id   1
_entity_poly.type   'polypeptide(L)'
_entity_poly.pdbx_seq_one_letter_code
;GSHMSDNNATDILFVGGIDETIDEKSLYDIFSSFGDIRNIEVPLNMTTKKNRGFAFVEYVEVDDAKHALYNMNNFELNGK
RIHVNYSKT
;
_entity_poly.pdbx_strand_id   A,B,C,D
#
# COMPACT_ATOMS: atom_id res chain seq x y z
N ALA A 9 15.20 -0.75 9.58
CA ALA A 9 15.46 0.61 8.99
C ALA A 9 16.88 0.70 8.42
N THR A 10 17.00 1.21 7.18
CA THR A 10 18.26 1.53 6.47
C THR A 10 18.15 2.96 5.92
N ASP A 11 19.24 3.46 5.37
CA ASP A 11 19.23 4.82 4.80
C ASP A 11 18.82 4.77 3.32
N ILE A 12 18.52 3.60 2.78
CA ILE A 12 18.09 3.46 1.35
C ILE A 12 16.63 3.05 1.31
N LEU A 13 15.84 3.74 0.51
CA LEU A 13 14.39 3.53 0.37
C LEU A 13 14.15 2.99 -1.02
N PHE A 14 13.35 1.94 -1.10
CA PHE A 14 12.72 1.42 -2.34
C PHE A 14 11.39 2.17 -2.51
N VAL A 15 11.20 2.85 -3.65
CA VAL A 15 10.00 3.67 -3.95
C VAL A 15 9.32 3.07 -5.18
N GLY A 16 8.06 2.65 -5.05
CA GLY A 16 7.29 2.00 -6.13
C GLY A 16 6.01 2.75 -6.40
N GLY A 17 5.39 2.48 -7.54
CA GLY A 17 4.10 3.08 -7.87
C GLY A 17 4.26 4.50 -8.38
N ILE A 18 5.47 4.89 -8.78
CA ILE A 18 5.71 6.26 -9.28
C ILE A 18 5.10 6.42 -10.67
N ASP A 19 4.55 7.58 -10.87
CA ASP A 19 3.91 8.02 -12.12
C ASP A 19 4.98 8.07 -13.21
N GLU A 20 4.58 7.79 -14.45
CA GLU A 20 5.47 7.73 -15.64
C GLU A 20 6.27 9.04 -15.79
N THR A 21 5.79 10.18 -15.28
CA THR A 21 6.45 11.52 -15.43
C THR A 21 7.66 11.68 -14.47
N ILE A 22 7.74 10.90 -13.41
CA ILE A 22 8.76 11.09 -12.33
C ILE A 22 10.12 10.68 -12.86
N ASP A 23 11.12 11.53 -12.71
CA ASP A 23 12.50 11.17 -13.05
C ASP A 23 13.40 11.46 -11.86
N GLU A 24 14.71 11.40 -12.04
CA GLU A 24 15.68 11.66 -10.94
C GLU A 24 15.53 13.10 -10.43
N LYS A 25 15.39 14.07 -11.32
CA LYS A 25 15.20 15.51 -10.94
C LYS A 25 13.99 15.65 -10.01
N SER A 26 12.80 15.26 -10.45
CA SER A 26 11.54 15.41 -9.67
C SER A 26 11.61 14.61 -8.36
N LEU A 27 12.17 13.39 -8.35
CA LEU A 27 12.23 12.59 -7.08
C LEU A 27 13.20 13.24 -6.09
N TYR A 28 14.29 13.86 -6.56
CA TYR A 28 15.21 14.57 -5.65
C TYR A 28 14.46 15.72 -4.98
N ASP A 29 13.70 16.50 -5.74
CA ASP A 29 13.03 17.71 -5.19
C ASP A 29 11.95 17.29 -4.18
N ILE A 30 11.39 16.09 -4.36
CA ILE A 30 10.34 15.53 -3.45
C ILE A 30 11.04 15.01 -2.18
N PHE A 31 12.05 14.16 -2.34
CA PHE A 31 12.65 13.41 -1.21
C PHE A 31 13.73 14.21 -0.47
N SER A 32 14.36 15.20 -1.10
CA SER A 32 15.34 16.09 -0.43
C SER A 32 14.66 16.88 0.70
N SER A 33 13.33 16.99 0.72
CA SER A 33 12.59 17.65 1.83
C SER A 33 12.99 17.04 3.20
N PHE A 34 13.37 15.76 3.25
CA PHE A 34 13.50 14.96 4.50
C PHE A 34 14.96 14.97 4.99
N GLY A 35 15.91 15.40 4.16
CA GLY A 35 17.31 15.47 4.57
C GLY A 35 18.27 15.30 3.40
N ASP A 36 19.57 15.21 3.71
CA ASP A 36 20.66 15.17 2.70
C ASP A 36 20.59 13.86 1.89
N ILE A 37 20.46 13.97 0.57
CA ILE A 37 20.38 12.78 -0.33
C ILE A 37 21.77 12.51 -0.87
N ARG A 38 22.24 11.26 -0.72
CA ARG A 38 23.57 10.85 -1.22
C ARG A 38 23.41 10.46 -2.70
N ASN A 39 22.34 9.73 -3.01
CA ASN A 39 22.17 9.18 -4.39
C ASN A 39 20.71 8.92 -4.66
N ILE A 40 20.28 9.11 -5.90
CA ILE A 40 18.92 8.75 -6.37
C ILE A 40 19.07 7.97 -7.68
N GLU A 41 18.33 6.90 -7.80
CA GLU A 41 18.34 6.03 -9.01
C GLU A 41 16.90 5.88 -9.44
N VAL A 42 16.61 6.32 -10.67
CA VAL A 42 15.30 6.09 -11.31
C VAL A 42 15.62 5.46 -12.67
N PRO A 43 15.70 4.12 -12.80
CA PRO A 43 16.03 3.52 -14.10
C PRO A 43 15.00 3.94 -15.17
N LEU A 44 15.48 4.29 -16.38
CA LEU A 44 14.60 4.62 -17.52
C LEU A 44 14.48 3.44 -18.48
N ASN A 45 13.32 3.34 -19.08
CA ASN A 45 13.00 2.39 -20.18
C ASN A 45 13.70 2.96 -21.42
N MET A 46 14.58 2.18 -22.03
CA MET A 46 15.41 2.69 -23.16
C MET A 46 14.54 2.85 -24.42
N THR A 47 13.27 2.44 -24.39
CA THR A 47 12.29 2.66 -25.49
C THR A 47 11.42 3.91 -25.27
N THR A 48 10.80 4.05 -24.11
CA THR A 48 9.84 5.16 -23.81
C THR A 48 10.58 6.39 -23.29
N LYS A 49 11.79 6.20 -22.76
CA LYS A 49 12.55 7.25 -22.03
C LYS A 49 11.75 7.65 -20.77
N LYS A 50 10.87 6.77 -20.28
CA LYS A 50 10.08 6.96 -19.04
C LYS A 50 10.60 5.99 -17.99
N ASN A 51 10.26 6.20 -16.71
CA ASN A 51 10.71 5.29 -15.64
C ASN A 51 9.99 3.93 -15.80
N ARG A 52 10.46 2.94 -15.05
CA ARG A 52 9.94 1.56 -15.03
C ARG A 52 9.06 1.34 -13.80
N GLY A 53 8.71 2.39 -13.07
CA GLY A 53 7.73 2.29 -11.96
C GLY A 53 8.39 2.23 -10.59
N PHE A 54 9.70 2.36 -10.48
CA PHE A 54 10.40 2.24 -9.17
C PHE A 54 11.62 3.15 -9.13
N ALA A 55 12.14 3.41 -7.91
CA ALA A 55 13.36 4.21 -7.69
C ALA A 55 14.00 3.77 -6.36
N PHE A 56 15.26 4.12 -6.21
CA PHE A 56 16.00 4.05 -4.92
C PHE A 56 16.41 5.46 -4.53
N VAL A 57 16.14 5.83 -3.29
CA VAL A 57 16.57 7.12 -2.73
C VAL A 57 17.52 6.80 -1.57
N GLU A 58 18.76 7.25 -1.64
CA GLU A 58 19.67 6.95 -0.52
C GLU A 58 19.90 8.24 0.25
N TYR A 59 19.63 8.22 1.55
CA TYR A 59 19.97 9.34 2.47
C TYR A 59 21.35 9.12 3.07
N VAL A 60 22.01 10.22 3.44
CA VAL A 60 23.19 10.22 4.34
C VAL A 60 22.79 9.61 5.68
N GLU A 61 21.61 9.98 6.19
CA GLU A 61 21.22 9.72 7.60
C GLU A 61 20.04 8.75 7.62
N VAL A 62 20.19 7.68 8.39
CA VAL A 62 19.11 6.69 8.50
C VAL A 62 17.88 7.39 9.10
N ASP A 63 18.06 8.31 10.06
CA ASP A 63 16.93 9.07 10.69
C ASP A 63 16.13 9.85 9.63
N ASP A 64 16.82 10.39 8.61
CA ASP A 64 16.15 11.08 7.49
C ASP A 64 15.35 10.06 6.67
N ALA A 65 15.91 8.88 6.37
CA ALA A 65 15.22 7.81 5.64
C ALA A 65 13.95 7.42 6.40
N LYS A 66 14.02 7.36 7.72
CA LYS A 66 12.87 6.87 8.51
C LYS A 66 11.74 7.89 8.39
N HIS A 67 12.10 9.17 8.49
CA HIS A 67 11.18 10.33 8.36
C HIS A 67 10.54 10.31 6.97
N ALA A 68 11.35 10.25 5.91
CA ALA A 68 10.88 10.09 4.51
C ALA A 68 9.89 8.93 4.37
N LEU A 69 10.19 7.76 4.93
CA LEU A 69 9.36 6.54 4.73
C LEU A 69 8.00 6.76 5.41
N TYR A 70 8.01 7.27 6.63
CA TYR A 70 6.77 7.57 7.39
C TYR A 70 5.90 8.55 6.57
N ASN A 71 6.50 9.63 6.07
CA ASN A 71 5.78 10.76 5.43
C ASN A 71 5.33 10.38 4.01
N MET A 72 6.10 9.59 3.26
CA MET A 72 5.80 9.36 1.83
C MET A 72 5.11 8.01 1.55
N ASN A 73 5.20 7.01 2.43
CA ASN A 73 4.48 5.76 2.19
C ASN A 73 2.97 6.08 2.13
N ASN A 74 2.32 5.64 1.06
CA ASN A 74 0.87 5.80 0.75
C ASN A 74 0.53 7.26 0.48
N PHE A 75 1.55 8.09 0.23
CA PHE A 75 1.34 9.49 -0.24
C PHE A 75 1.05 9.41 -1.73
N GLU A 76 0.42 10.44 -2.29
CA GLU A 76 0.01 10.52 -3.71
C GLU A 76 0.96 11.49 -4.42
N LEU A 77 1.69 11.04 -5.44
CA LEU A 77 2.48 11.92 -6.33
C LEU A 77 1.84 11.85 -7.70
N ASN A 78 1.49 13.01 -8.26
CA ASN A 78 0.81 13.13 -9.57
C ASN A 78 -0.35 12.14 -9.67
N GLY A 79 -1.25 12.13 -8.69
CA GLY A 79 -2.47 11.30 -8.69
C GLY A 79 -2.22 9.80 -8.54
N LYS A 80 -1.01 9.36 -8.17
CA LYS A 80 -0.73 7.92 -7.96
C LYS A 80 -0.18 7.70 -6.54
N ARG A 81 -0.70 6.70 -5.83
CA ARG A 81 -0.30 6.39 -4.43
C ARG A 81 1.01 5.61 -4.47
N ILE A 82 2.01 6.06 -3.75
CA ILE A 82 3.34 5.41 -3.79
C ILE A 82 3.51 4.47 -2.59
N HIS A 83 4.43 3.53 -2.82
CA HIS A 83 4.92 2.51 -1.87
C HIS A 83 6.36 2.85 -1.49
N VAL A 84 6.67 2.98 -0.19
CA VAL A 84 8.06 3.26 0.28
C VAL A 84 8.44 2.19 1.29
N ASN A 85 9.52 1.47 1.00
CA ASN A 85 10.04 0.36 1.82
C ASN A 85 11.50 0.65 2.10
N TYR A 86 12.02 0.11 3.20
CA TYR A 86 13.48 0.04 3.43
C TYR A 86 14.08 -0.93 2.40
N SER A 87 15.20 -0.56 1.79
CA SER A 87 15.97 -1.45 0.92
C SER A 87 17.09 -2.09 1.73
N LYS A 88 17.08 -3.43 1.78
CA LYS A 88 18.09 -4.38 2.34
C LYS A 88 17.70 -4.69 3.78
N ALA B 9 6.57 4.83 20.30
CA ALA B 9 5.24 4.19 20.06
C ALA B 9 4.41 4.27 21.34
N THR B 10 3.10 4.46 21.17
CA THR B 10 2.09 4.52 22.26
C THR B 10 0.82 3.90 21.70
N ASP B 11 -0.13 3.52 22.58
CA ASP B 11 -1.39 2.87 22.18
C ASP B 11 -2.42 3.94 21.82
N ILE B 12 -2.04 5.21 21.83
CA ILE B 12 -2.94 6.33 21.43
C ILE B 12 -2.40 6.99 20.16
N LEU B 13 -3.23 7.09 19.14
CA LEU B 13 -2.90 7.74 17.88
C LEU B 13 -3.61 9.08 17.84
N PHE B 14 -2.91 10.08 17.32
CA PHE B 14 -3.42 11.39 16.84
C PHE B 14 -3.77 11.29 15.36
N VAL B 15 -4.93 11.78 14.98
CA VAL B 15 -5.43 11.78 13.59
C VAL B 15 -5.82 13.21 13.26
N GLY B 16 -5.12 13.83 12.29
CA GLY B 16 -5.44 15.16 11.76
C GLY B 16 -5.87 15.14 10.31
N GLY B 17 -6.50 16.22 9.85
CA GLY B 17 -6.94 16.38 8.45
C GLY B 17 -8.24 15.68 8.18
N ILE B 18 -8.95 15.26 9.23
CA ILE B 18 -10.28 14.62 9.06
C ILE B 18 -11.28 15.68 8.58
N ASP B 19 -12.17 15.23 7.71
CA ASP B 19 -13.25 16.03 7.07
C ASP B 19 -14.35 16.38 8.08
N GLU B 20 -15.05 17.50 7.86
CA GLU B 20 -16.17 17.99 8.73
C GLU B 20 -17.27 16.93 8.83
N THR B 21 -17.45 16.10 7.80
CA THR B 21 -18.46 15.01 7.72
C THR B 21 -18.17 13.88 8.72
N ILE B 22 -16.91 13.69 9.12
CA ILE B 22 -16.47 12.48 9.87
C ILE B 22 -16.91 12.60 11.33
N ASP B 23 -17.52 11.54 11.88
CA ASP B 23 -17.89 11.42 13.32
C ASP B 23 -17.17 10.24 13.95
N GLU B 24 -17.31 10.06 15.27
CA GLU B 24 -16.71 8.96 16.07
C GLU B 24 -17.05 7.61 15.45
N LYS B 25 -18.30 7.39 15.01
CA LYS B 25 -18.78 6.06 14.57
C LYS B 25 -17.97 5.61 13.33
N SER B 26 -17.78 6.52 12.38
CA SER B 26 -17.06 6.28 11.08
C SER B 26 -15.62 5.90 11.37
N LEU B 27 -14.95 6.72 12.17
CA LEU B 27 -13.55 6.50 12.60
C LEU B 27 -13.46 5.19 13.37
N TYR B 28 -14.49 4.83 14.15
CA TYR B 28 -14.47 3.56 14.89
C TYR B 28 -14.53 2.38 13.88
N ASP B 29 -15.36 2.44 12.84
CA ASP B 29 -15.48 1.36 11.83
C ASP B 29 -14.12 1.16 11.13
N ILE B 30 -13.47 2.27 10.80
CA ILE B 30 -12.14 2.21 10.13
C ILE B 30 -11.08 1.70 11.11
N PHE B 31 -10.91 2.36 12.26
CA PHE B 31 -9.77 2.07 13.17
C PHE B 31 -9.93 0.75 13.88
N SER B 32 -11.16 0.29 14.13
CA SER B 32 -11.42 -1.03 14.77
C SER B 32 -10.91 -2.16 13.88
N SER B 33 -10.72 -1.92 12.58
CA SER B 33 -10.17 -2.93 11.63
C SER B 33 -8.83 -3.44 12.15
N PHE B 34 -8.05 -2.58 12.81
CA PHE B 34 -6.62 -2.84 13.16
C PHE B 34 -6.46 -3.45 14.55
N GLY B 35 -7.55 -3.59 15.32
CA GLY B 35 -7.49 -4.14 16.68
C GLY B 35 -8.47 -3.48 17.62
N ASP B 36 -8.58 -4.03 18.82
CA ASP B 36 -9.56 -3.61 19.84
C ASP B 36 -9.29 -2.16 20.24
N ILE B 37 -10.30 -1.33 20.15
CA ILE B 37 -10.28 0.09 20.59
C ILE B 37 -10.73 0.15 22.05
N ARG B 38 -9.98 0.85 22.89
CA ARG B 38 -10.49 1.27 24.22
C ARG B 38 -11.42 2.45 24.05
N ASN B 39 -11.02 3.49 23.33
CA ASN B 39 -11.80 4.75 23.21
C ASN B 39 -11.36 5.51 21.97
N ILE B 40 -12.30 6.19 21.31
CA ILE B 40 -11.88 7.25 20.37
C ILE B 40 -12.60 8.52 20.76
N GLU B 41 -11.90 9.64 20.60
CA GLU B 41 -12.35 10.98 21.04
C GLU B 41 -12.34 11.87 19.80
N VAL B 42 -13.48 12.42 19.42
CA VAL B 42 -13.57 13.43 18.32
C VAL B 42 -14.17 14.72 18.90
N PRO B 43 -13.33 15.68 19.34
CA PRO B 43 -13.84 16.90 19.97
C PRO B 43 -14.70 17.65 18.96
N LEU B 44 -15.93 18.03 19.35
CA LEU B 44 -16.85 18.85 18.53
C LEU B 44 -16.70 20.31 18.95
N ASN B 45 -16.66 21.23 18.00
CA ASN B 45 -16.99 22.65 18.25
C ASN B 45 -18.50 22.71 18.45
N MET B 46 -18.94 22.70 19.72
CA MET B 46 -20.36 22.55 20.12
C MET B 46 -21.15 23.80 19.70
N THR B 47 -20.47 24.88 19.29
CA THR B 47 -21.09 26.10 18.68
C THR B 47 -21.60 25.76 17.28
N THR B 48 -20.70 25.30 16.38
CA THR B 48 -21.02 24.90 14.98
C THR B 48 -21.47 23.44 14.90
N LYS B 49 -21.38 22.68 16.00
CA LYS B 49 -21.79 21.24 16.09
C LYS B 49 -20.83 20.32 15.31
N LYS B 50 -19.74 20.84 14.73
CA LYS B 50 -18.87 20.06 13.81
C LYS B 50 -17.54 19.72 14.50
N ASN B 51 -16.86 18.65 14.05
CA ASN B 51 -15.56 18.19 14.61
C ASN B 51 -14.55 19.29 14.33
N ARG B 52 -13.36 19.24 14.93
CA ARG B 52 -12.34 20.32 14.81
C ARG B 52 -11.19 19.84 13.91
N GLY B 53 -11.38 18.76 13.16
CA GLY B 53 -10.40 18.27 12.19
C GLY B 53 -9.39 17.31 12.80
N PHE B 54 -9.61 16.83 14.02
CA PHE B 54 -8.74 15.81 14.65
C PHE B 54 -9.49 14.85 15.56
N ALA B 55 -8.78 13.77 15.92
CA ALA B 55 -9.28 12.67 16.75
C ALA B 55 -8.11 12.05 17.48
N PHE B 56 -8.39 11.51 18.65
CA PHE B 56 -7.51 10.55 19.36
C PHE B 56 -8.14 9.17 19.26
N VAL B 57 -7.32 8.19 18.88
CA VAL B 57 -7.75 6.77 18.80
C VAL B 57 -6.89 5.99 19.77
N GLU B 58 -7.50 5.49 20.84
CA GLU B 58 -6.79 4.68 21.85
C GLU B 58 -7.11 3.22 21.58
N TYR B 59 -6.04 2.44 21.40
CA TYR B 59 -6.02 0.96 21.32
C TYR B 59 -5.70 0.36 22.68
N VAL B 60 -6.29 -0.79 22.96
CA VAL B 60 -5.88 -1.67 24.09
C VAL B 60 -4.39 -2.03 23.91
N GLU B 61 -3.97 -2.48 22.73
CA GLU B 61 -2.58 -2.99 22.51
C GLU B 61 -1.79 -2.00 21.65
N VAL B 62 -0.61 -1.60 22.12
CA VAL B 62 0.35 -0.71 21.40
C VAL B 62 0.63 -1.32 20.01
N ASP B 63 0.80 -2.64 19.92
CA ASP B 63 1.08 -3.36 18.64
C ASP B 63 0.00 -3.01 17.60
N ASP B 64 -1.27 -2.87 18.04
CA ASP B 64 -2.40 -2.56 17.15
C ASP B 64 -2.38 -1.08 16.71
N ALA B 65 -2.01 -0.16 17.61
CA ALA B 65 -1.79 1.27 17.26
C ALA B 65 -0.72 1.37 16.19
N LYS B 66 0.36 0.57 16.30
CA LYS B 66 1.48 0.60 15.32
C LYS B 66 0.99 0.16 13.93
N HIS B 67 0.30 -0.97 13.89
CA HIS B 67 -0.34 -1.58 12.69
C HIS B 67 -1.22 -0.51 12.05
N ALA B 68 -2.08 0.16 12.84
CA ALA B 68 -3.00 1.24 12.40
C ALA B 68 -2.22 2.41 11.80
N LEU B 69 -1.21 2.91 12.52
CA LEU B 69 -0.39 4.06 12.05
C LEU B 69 0.22 3.71 10.69
N TYR B 70 0.87 2.55 10.60
CA TYR B 70 1.58 2.11 9.36
C TYR B 70 0.59 2.19 8.19
N ASN B 71 -0.62 1.67 8.41
CA ASN B 71 -1.65 1.48 7.37
C ASN B 71 -2.39 2.78 7.06
N MET B 72 -2.62 3.62 8.05
CA MET B 72 -3.61 4.72 7.93
C MET B 72 -2.95 6.09 7.70
N ASN B 73 -1.66 6.30 7.98
CA ASN B 73 -1.07 7.62 7.66
C ASN B 73 -1.26 7.89 6.16
N ASN B 74 -1.64 9.12 5.81
CA ASN B 74 -1.91 9.53 4.41
C ASN B 74 -3.14 8.83 3.83
N PHE B 75 -3.98 8.15 4.61
CA PHE B 75 -5.20 7.51 4.06
C PHE B 75 -6.12 8.63 3.52
N GLU B 76 -6.74 8.39 2.35
CA GLU B 76 -7.73 9.35 1.80
C GLU B 76 -9.12 9.00 2.34
N LEU B 77 -9.63 9.81 3.26
CA LEU B 77 -10.97 9.67 3.88
C LEU B 77 -11.84 10.84 3.37
N ASN B 78 -12.93 10.53 2.67
CA ASN B 78 -13.81 11.54 2.02
C ASN B 78 -12.97 12.48 1.15
N GLY B 79 -12.01 11.93 0.40
CA GLY B 79 -11.20 12.66 -0.59
C GLY B 79 -10.13 13.56 0.02
N LYS B 80 -9.93 13.53 1.34
CA LYS B 80 -8.86 14.27 2.05
C LYS B 80 -7.90 13.29 2.73
N ARG B 81 -6.61 13.48 2.52
CA ARG B 81 -5.57 12.62 3.14
C ARG B 81 -5.42 13.05 4.58
N ILE B 82 -5.44 12.07 5.47
CA ILE B 82 -5.29 12.29 6.93
C ILE B 82 -3.82 12.07 7.28
N HIS B 83 -3.43 12.62 8.42
CA HIS B 83 -2.13 12.46 9.08
C HIS B 83 -2.37 11.67 10.35
N VAL B 84 -1.67 10.55 10.49
CA VAL B 84 -1.76 9.69 11.69
C VAL B 84 -0.37 9.59 12.30
N ASN B 85 -0.25 9.91 13.58
CA ASN B 85 1.00 9.69 14.33
C ASN B 85 0.64 9.30 15.75
N TYR B 86 1.63 8.73 16.43
CA TYR B 86 1.56 8.43 17.89
C TYR B 86 1.35 9.76 18.59
N SER B 87 0.39 9.81 19.52
CA SER B 87 0.09 11.02 20.32
C SER B 87 1.12 11.11 21.45
N LYS B 88 1.41 12.32 21.92
CA LYS B 88 2.34 12.56 23.06
C LYS B 88 1.65 12.07 24.33
N ALA C 9 -5.38 -13.01 10.10
CA ALA C 9 -6.28 -13.58 9.03
C ALA C 9 -7.73 -13.70 9.55
N THR C 10 -8.69 -13.03 8.89
CA THR C 10 -10.13 -13.03 9.24
C THR C 10 -10.95 -13.21 7.97
N ASP C 11 -12.27 -13.27 8.11
CA ASP C 11 -13.24 -13.38 7.00
C ASP C 11 -13.77 -11.99 6.64
N ILE C 12 -13.26 -10.92 7.24
CA ILE C 12 -13.65 -9.54 6.87
C ILE C 12 -12.44 -8.81 6.29
N LEU C 13 -12.61 -8.18 5.13
CA LEU C 13 -11.54 -7.36 4.50
C LEU C 13 -11.91 -5.89 4.62
N PHE C 14 -10.95 -5.06 5.05
CA PHE C 14 -11.05 -3.59 4.99
C PHE C 14 -10.40 -3.19 3.67
N VAL C 15 -11.09 -2.39 2.85
CA VAL C 15 -10.67 -2.03 1.48
C VAL C 15 -10.62 -0.52 1.43
N GLY C 16 -9.43 0.03 1.18
CA GLY C 16 -9.27 1.49 1.05
C GLY C 16 -8.75 1.85 -0.31
N GLY C 17 -8.61 3.15 -0.55
CA GLY C 17 -8.13 3.66 -1.84
C GLY C 17 -9.17 3.53 -2.93
N ILE C 18 -10.44 3.36 -2.58
CA ILE C 18 -11.55 3.18 -3.55
C ILE C 18 -11.90 4.53 -4.23
N ASP C 19 -11.99 4.51 -5.55
CA ASP C 19 -12.38 5.65 -6.40
C ASP C 19 -13.79 6.11 -6.01
N GLU C 20 -14.03 7.42 -6.05
CA GLU C 20 -15.39 8.03 -5.86
C GLU C 20 -16.40 7.39 -6.84
N THR C 21 -15.95 6.95 -8.02
CA THR C 21 -16.79 6.28 -9.04
C THR C 21 -17.40 4.98 -8.51
N ILE C 22 -16.74 4.26 -7.60
CA ILE C 22 -17.07 2.87 -7.20
C ILE C 22 -18.36 2.87 -6.34
N ASP C 23 -19.32 2.02 -6.72
CA ASP C 23 -20.55 1.66 -5.93
C ASP C 23 -20.39 0.26 -5.35
N GLU C 24 -21.35 -0.17 -4.49
CA GLU C 24 -21.42 -1.50 -3.82
C GLU C 24 -21.57 -2.63 -4.85
N LYS C 25 -22.24 -2.38 -5.98
CA LYS C 25 -22.53 -3.40 -7.02
C LYS C 25 -21.20 -3.83 -7.67
N SER C 26 -20.45 -2.84 -8.18
CA SER C 26 -19.14 -3.03 -8.84
C SER C 26 -18.17 -3.73 -7.89
N LEU C 27 -18.19 -3.37 -6.61
CA LEU C 27 -17.24 -3.97 -5.64
C LEU C 27 -17.64 -5.42 -5.40
N TYR C 28 -18.95 -5.66 -5.22
CA TYR C 28 -19.51 -7.02 -5.10
C TYR C 28 -19.10 -7.87 -6.31
N ASP C 29 -19.30 -7.35 -7.52
CA ASP C 29 -19.03 -8.09 -8.79
C ASP C 29 -17.54 -8.48 -8.83
N ILE C 30 -16.63 -7.60 -8.41
CA ILE C 30 -15.17 -7.92 -8.36
C ILE C 30 -14.89 -8.92 -7.24
N PHE C 31 -15.29 -8.62 -6.00
CA PHE C 31 -14.89 -9.43 -4.84
C PHE C 31 -15.63 -10.78 -4.80
N SER C 32 -16.82 -10.90 -5.41
CA SER C 32 -17.61 -12.16 -5.39
C SER C 32 -16.82 -13.24 -6.16
N SER C 33 -15.91 -12.83 -7.04
CA SER C 33 -15.09 -13.77 -7.85
C SER C 33 -14.29 -14.70 -6.92
N PHE C 34 -14.04 -14.34 -5.65
CA PHE C 34 -13.18 -15.12 -4.73
C PHE C 34 -14.00 -16.06 -3.83
N GLY C 35 -15.33 -15.88 -3.78
CA GLY C 35 -16.19 -16.74 -2.95
C GLY C 35 -17.40 -16.02 -2.40
N ASP C 36 -18.19 -16.74 -1.60
CA ASP C 36 -19.49 -16.29 -1.05
C ASP C 36 -19.26 -15.08 -0.15
N ILE C 37 -19.91 -13.96 -0.49
CA ILE C 37 -19.94 -12.71 0.32
C ILE C 37 -21.25 -12.71 1.12
N ARG C 38 -21.19 -12.63 2.45
CA ARG C 38 -22.39 -12.56 3.34
C ARG C 38 -22.76 -11.10 3.59
N ASN C 39 -21.83 -10.15 3.39
CA ASN C 39 -22.14 -8.70 3.64
C ASN C 39 -21.11 -7.81 2.94
N ILE C 40 -21.55 -6.68 2.43
CA ILE C 40 -20.63 -5.64 1.88
C ILE C 40 -21.18 -4.27 2.23
N GLU C 41 -20.32 -3.39 2.72
CA GLU C 41 -20.68 -1.98 3.09
C GLU C 41 -19.72 -1.05 2.35
N VAL C 42 -20.29 -0.09 1.63
CA VAL C 42 -19.60 1.11 1.07
C VAL C 42 -20.33 2.32 1.62
N PRO C 43 -19.98 2.82 2.83
CA PRO C 43 -20.59 4.01 3.39
C PRO C 43 -20.53 5.19 2.41
N LEU C 44 -21.64 5.92 2.28
CA LEU C 44 -21.72 7.15 1.45
C LEU C 44 -21.61 8.39 2.35
N ASN C 45 -21.03 9.45 1.81
CA ASN C 45 -21.17 10.84 2.31
C ASN C 45 -22.62 11.26 2.01
N MET C 46 -23.43 11.51 3.06
CA MET C 46 -24.88 11.80 2.95
C MET C 46 -25.09 13.10 2.15
N THR C 47 -24.22 14.09 2.37
CA THR C 47 -24.24 15.41 1.67
C THR C 47 -23.98 15.20 0.18
N THR C 48 -22.89 14.49 -0.15
CA THR C 48 -22.36 14.33 -1.53
C THR C 48 -23.03 13.15 -2.24
N LYS C 49 -23.34 12.05 -1.54
CA LYS C 49 -23.82 10.78 -2.15
C LYS C 49 -22.65 10.11 -2.92
N LYS C 50 -21.40 10.45 -2.58
CA LYS C 50 -20.16 9.79 -3.06
C LYS C 50 -19.63 8.92 -1.92
N ASN C 51 -18.93 7.82 -2.22
CA ASN C 51 -18.39 6.93 -1.14
C ASN C 51 -17.33 7.71 -0.33
N ARG C 52 -16.96 7.22 0.84
CA ARG C 52 -15.97 7.88 1.74
C ARG C 52 -14.54 7.40 1.46
N GLY C 53 -14.32 6.58 0.44
CA GLY C 53 -12.99 6.02 0.08
C GLY C 53 -12.75 4.59 0.58
N PHE C 54 -13.70 3.96 1.28
CA PHE C 54 -13.45 2.66 1.96
C PHE C 54 -14.71 1.77 2.01
N ALA C 55 -14.49 0.49 2.22
CA ALA C 55 -15.54 -0.53 2.20
C ALA C 55 -15.13 -1.71 3.07
N PHE C 56 -16.12 -2.50 3.47
CA PHE C 56 -15.96 -3.79 4.19
C PHE C 56 -16.59 -4.89 3.34
N VAL C 57 -15.84 -5.98 3.15
CA VAL C 57 -16.26 -7.16 2.36
C VAL C 57 -16.19 -8.38 3.26
N GLU C 58 -17.34 -8.97 3.59
CA GLU C 58 -17.37 -10.10 4.53
C GLU C 58 -17.61 -11.39 3.75
N TYR C 59 -16.70 -12.37 3.88
CA TYR C 59 -16.82 -13.69 3.23
C TYR C 59 -17.42 -14.69 4.22
N VAL C 60 -18.11 -15.69 3.69
CA VAL C 60 -18.59 -16.83 4.51
C VAL C 60 -17.36 -17.60 4.99
N GLU C 61 -16.33 -17.73 4.15
CA GLU C 61 -15.13 -18.58 4.41
C GLU C 61 -13.87 -17.72 4.54
N VAL C 62 -13.11 -17.90 5.62
CA VAL C 62 -11.82 -17.18 5.87
C VAL C 62 -10.90 -17.42 4.67
N ASP C 63 -10.93 -18.63 4.11
CA ASP C 63 -10.09 -19.02 2.96
C ASP C 63 -10.35 -18.10 1.77
N ASP C 64 -11.61 -17.69 1.54
CA ASP C 64 -11.98 -16.86 0.38
C ASP C 64 -11.49 -15.44 0.62
N ALA C 65 -11.62 -14.94 1.84
CA ALA C 65 -11.07 -13.62 2.27
C ALA C 65 -9.54 -13.57 2.05
N LYS C 66 -8.80 -14.59 2.49
CA LYS C 66 -7.33 -14.67 2.30
C LYS C 66 -6.99 -14.59 0.80
N HIS C 67 -7.71 -15.35 -0.02
CA HIS C 67 -7.48 -15.40 -1.49
C HIS C 67 -7.75 -14.01 -2.09
N ALA C 68 -8.85 -13.35 -1.71
CA ALA C 68 -9.18 -11.99 -2.19
C ALA C 68 -8.07 -11.00 -1.77
N LEU C 69 -7.62 -11.04 -0.51
CA LEU C 69 -6.63 -10.06 0.00
C LEU C 69 -5.34 -10.16 -0.84
N TYR C 70 -4.82 -11.38 -1.04
CA TYR C 70 -3.56 -11.67 -1.77
C TYR C 70 -3.65 -11.14 -3.21
N ASN C 71 -4.84 -11.23 -3.81
CA ASN C 71 -5.04 -10.93 -5.26
C ASN C 71 -5.41 -9.47 -5.43
N MET C 72 -6.12 -8.87 -4.46
CA MET C 72 -6.75 -7.55 -4.70
C MET C 72 -5.93 -6.42 -4.07
N ASN C 73 -5.03 -6.73 -3.15
CA ASN C 73 -4.17 -5.70 -2.55
C ASN C 73 -3.30 -5.09 -3.66
N ASN C 74 -3.29 -3.76 -3.75
CA ASN C 74 -2.56 -2.99 -4.79
C ASN C 74 -3.17 -3.16 -6.18
N PHE C 75 -4.36 -3.76 -6.29
CA PHE C 75 -5.09 -3.90 -7.58
C PHE C 75 -5.60 -2.52 -8.00
N GLU C 76 -5.58 -2.23 -9.30
CA GLU C 76 -6.00 -0.92 -9.85
C GLU C 76 -7.48 -1.00 -10.21
N LEU C 77 -8.33 -0.26 -9.47
CA LEU C 77 -9.78 -0.12 -9.72
C LEU C 77 -10.09 1.31 -10.19
N ASN C 78 -10.70 1.44 -11.36
CA ASN C 78 -10.84 2.73 -12.09
C ASN C 78 -9.58 3.59 -11.92
N GLY C 79 -8.39 2.99 -12.10
CA GLY C 79 -7.12 3.73 -12.16
C GLY C 79 -6.64 4.19 -10.78
N LYS C 80 -7.23 3.68 -9.70
CA LYS C 80 -6.78 3.99 -8.33
C LYS C 80 -6.43 2.66 -7.66
N ARG C 81 -5.21 2.54 -7.13
CA ARG C 81 -4.71 1.31 -6.46
C ARG C 81 -5.36 1.13 -5.09
N ILE C 82 -5.92 -0.05 -4.86
CA ILE C 82 -6.65 -0.31 -3.60
C ILE C 82 -5.70 -0.91 -2.57
N HIS C 83 -6.10 -0.83 -1.32
CA HIS C 83 -5.35 -1.18 -0.11
C HIS C 83 -6.28 -2.13 0.62
N VAL C 84 -5.88 -3.38 0.77
CA VAL C 84 -6.75 -4.42 1.38
C VAL C 84 -6.03 -4.90 2.63
N ASN C 85 -6.72 -4.89 3.76
CA ASN C 85 -6.21 -5.51 5.02
C ASN C 85 -7.31 -6.38 5.61
N TYR C 86 -6.91 -7.36 6.42
CA TYR C 86 -7.86 -8.12 7.28
C TYR C 86 -8.39 -7.15 8.32
N SER C 87 -9.71 -7.13 8.50
CA SER C 87 -10.37 -6.34 9.57
C SER C 87 -10.54 -7.23 10.80
N LYS C 88 -10.25 -6.66 11.98
CA LYS C 88 -10.15 -7.28 13.34
C LYS C 88 -8.71 -7.82 13.47
N ALA D 9 1.58 -21.64 0.52
CA ALA D 9 2.45 -20.78 1.40
C ALA D 9 3.86 -21.37 1.49
N THR D 10 4.87 -20.74 0.84
CA THR D 10 6.28 -21.21 0.75
C THR D 10 7.26 -20.03 0.71
N ASP D 11 8.57 -20.33 0.81
CA ASP D 11 9.69 -19.36 0.73
C ASP D 11 10.20 -19.16 -0.71
N ILE D 12 9.51 -19.66 -1.73
CA ILE D 12 9.96 -19.47 -3.15
C ILE D 12 8.82 -18.78 -3.89
N LEU D 13 9.13 -17.62 -4.48
CA LEU D 13 8.15 -16.77 -5.16
C LEU D 13 8.20 -17.03 -6.67
N PHE D 14 7.03 -17.24 -7.25
CA PHE D 14 6.86 -17.21 -8.73
C PHE D 14 6.40 -15.80 -9.11
N VAL D 15 7.15 -15.18 -10.02
CA VAL D 15 6.76 -13.87 -10.60
C VAL D 15 6.39 -14.12 -12.05
N GLY D 16 5.19 -13.70 -12.42
CA GLY D 16 4.68 -13.76 -13.81
C GLY D 16 4.36 -12.38 -14.33
N GLY D 17 4.15 -12.28 -15.62
CA GLY D 17 3.74 -11.05 -16.29
C GLY D 17 4.85 -10.03 -16.33
N ILE D 18 6.12 -10.47 -16.25
CA ILE D 18 7.31 -9.57 -16.28
C ILE D 18 7.51 -9.14 -17.74
N ASP D 19 7.74 -7.84 -17.92
CA ASP D 19 8.06 -7.24 -19.23
C ASP D 19 9.34 -7.88 -19.76
N GLU D 20 9.37 -8.21 -21.05
CA GLU D 20 10.50 -8.88 -21.74
C GLU D 20 11.78 -8.04 -21.64
N THR D 21 11.65 -6.73 -21.49
CA THR D 21 12.80 -5.80 -21.41
C THR D 21 13.47 -5.93 -20.04
N ILE D 22 12.80 -6.49 -19.03
CA ILE D 22 13.32 -6.51 -17.62
C ILE D 22 14.47 -7.51 -17.50
N ASP D 23 15.58 -7.07 -16.88
CA ASP D 23 16.82 -7.87 -16.66
C ASP D 23 16.88 -8.36 -15.21
N GLU D 24 17.68 -9.41 -14.96
CA GLU D 24 17.86 -10.07 -13.64
C GLU D 24 18.40 -9.07 -12.60
N LYS D 25 19.27 -8.15 -13.04
CA LYS D 25 19.83 -7.07 -12.19
C LYS D 25 18.65 -6.31 -11.56
N SER D 26 17.79 -5.72 -12.37
CA SER D 26 16.67 -4.87 -11.90
C SER D 26 15.80 -5.66 -10.91
N LEU D 27 15.45 -6.88 -11.28
CA LEU D 27 14.61 -7.78 -10.46
C LEU D 27 15.33 -8.12 -9.15
N TYR D 28 16.66 -8.29 -9.20
CA TYR D 28 17.55 -8.46 -8.02
C TYR D 28 17.42 -7.22 -7.13
N ASP D 29 17.77 -6.07 -7.67
CA ASP D 29 17.68 -4.74 -6.97
C ASP D 29 16.32 -4.58 -6.28
N ILE D 30 15.20 -4.87 -6.97
CA ILE D 30 13.84 -4.69 -6.41
C ILE D 30 13.58 -5.72 -5.30
N PHE D 31 13.73 -7.01 -5.63
CA PHE D 31 13.45 -8.12 -4.69
C PHE D 31 14.60 -8.19 -3.68
N SER D 32 15.87 -7.84 -4.00
CA SER D 32 16.98 -7.85 -2.99
C SER D 32 16.79 -6.72 -1.97
N SER D 33 15.91 -5.75 -2.24
CA SER D 33 15.38 -4.75 -1.26
C SER D 33 14.81 -5.45 -0.03
N PHE D 34 14.13 -6.60 -0.16
CA PHE D 34 13.27 -7.14 0.94
C PHE D 34 14.02 -8.24 1.74
N GLY D 35 15.24 -8.62 1.31
CA GLY D 35 16.01 -9.71 1.93
C GLY D 35 17.11 -10.18 1.00
N ASP D 36 18.17 -10.81 1.55
CA ASP D 36 19.21 -11.48 0.72
C ASP D 36 18.49 -12.55 -0.11
N ILE D 37 19.05 -12.85 -1.29
CA ILE D 37 18.49 -13.86 -2.21
C ILE D 37 19.62 -14.84 -2.53
N ARG D 38 19.44 -16.10 -2.13
CA ARG D 38 20.36 -17.20 -2.48
C ARG D 38 20.42 -17.21 -4.00
N ASN D 39 19.25 -17.08 -4.63
CA ASN D 39 19.09 -17.32 -6.08
C ASN D 39 17.88 -16.57 -6.67
N ILE D 40 18.09 -15.99 -7.85
CA ILE D 40 17.02 -15.52 -8.77
C ILE D 40 17.24 -16.21 -10.11
N GLU D 41 16.20 -16.86 -10.65
CA GLU D 41 16.20 -17.41 -12.03
C GLU D 41 15.31 -16.51 -12.88
N VAL D 42 15.87 -15.92 -13.93
CA VAL D 42 15.12 -15.15 -14.96
C VAL D 42 15.43 -15.74 -16.34
N PRO D 43 14.87 -16.94 -16.63
CA PRO D 43 15.17 -17.65 -17.88
C PRO D 43 15.07 -16.80 -19.14
N LEU D 44 16.06 -16.89 -20.05
CA LEU D 44 16.06 -16.17 -21.37
C LEU D 44 15.56 -17.08 -22.49
N ASN D 45 14.84 -16.49 -23.46
CA ASN D 45 14.52 -17.09 -24.79
C ASN D 45 15.45 -16.44 -25.83
N MET D 46 16.11 -17.28 -26.64
CA MET D 46 17.28 -16.92 -27.50
C MET D 46 16.83 -16.47 -28.90
N THR D 47 15.67 -16.93 -29.36
CA THR D 47 15.01 -16.43 -30.60
C THR D 47 14.97 -14.89 -30.53
N THR D 48 14.77 -14.34 -29.33
CA THR D 48 14.63 -12.88 -29.07
C THR D 48 15.68 -12.35 -28.08
N LYS D 49 16.52 -13.23 -27.47
CA LYS D 49 17.46 -12.93 -26.35
C LYS D 49 16.75 -12.19 -25.20
N LYS D 50 15.43 -12.39 -25.06
CA LYS D 50 14.58 -11.66 -24.08
C LYS D 50 14.07 -12.66 -23.04
N ASN D 51 13.60 -12.17 -21.89
CA ASN D 51 13.13 -13.07 -20.79
C ASN D 51 11.85 -13.79 -21.28
N ARG D 52 11.40 -14.84 -20.59
CA ARG D 52 10.20 -15.62 -20.98
C ARG D 52 8.95 -15.11 -20.24
N GLY D 53 9.02 -13.97 -19.53
CA GLY D 53 7.86 -13.36 -18.86
C GLY D 53 7.75 -13.72 -17.38
N PHE D 54 8.71 -14.45 -16.83
CA PHE D 54 8.61 -14.95 -15.44
C PHE D 54 9.98 -15.05 -14.81
N ALA D 55 9.95 -15.28 -13.50
CA ALA D 55 11.15 -15.37 -12.65
C ALA D 55 10.79 -16.22 -11.43
N PHE D 56 11.81 -16.82 -10.84
CA PHE D 56 11.77 -17.50 -9.53
C PHE D 56 12.72 -16.73 -8.60
N VAL D 57 12.18 -16.27 -7.48
CA VAL D 57 12.92 -15.61 -6.37
C VAL D 57 12.73 -16.46 -5.11
N GLU D 58 13.82 -16.99 -4.57
CA GLU D 58 13.80 -17.82 -3.35
C GLU D 58 14.21 -16.95 -2.16
N TYR D 59 13.36 -16.81 -1.14
CA TYR D 59 13.65 -16.01 0.08
C TYR D 59 14.07 -16.95 1.24
N VAL D 60 14.92 -16.45 2.13
CA VAL D 60 15.39 -17.20 3.33
C VAL D 60 14.19 -17.47 4.24
N GLU D 61 13.17 -16.60 4.27
CA GLU D 61 12.01 -16.69 5.20
C GLU D 61 10.68 -16.65 4.47
N VAL D 62 9.76 -17.58 4.76
CA VAL D 62 8.33 -17.49 4.33
C VAL D 62 7.81 -16.06 4.64
N ASP D 63 7.97 -15.63 5.89
CA ASP D 63 7.53 -14.29 6.40
C ASP D 63 7.85 -13.20 5.37
N ASP D 64 9.13 -13.01 5.02
CA ASP D 64 9.55 -12.08 3.95
C ASP D 64 8.70 -12.33 2.71
N ALA D 65 8.68 -13.57 2.19
CA ALA D 65 8.08 -13.89 0.87
C ALA D 65 6.58 -13.56 0.89
N LYS D 66 5.95 -13.74 2.06
CA LYS D 66 4.53 -13.38 2.29
C LYS D 66 4.39 -11.86 2.23
N HIS D 67 5.46 -11.13 2.55
CA HIS D 67 5.53 -9.64 2.60
C HIS D 67 5.66 -9.10 1.18
N ALA D 68 6.61 -9.63 0.42
CA ALA D 68 6.86 -9.28 -1.00
C ALA D 68 5.61 -9.60 -1.82
N LEU D 69 4.91 -10.69 -1.50
CA LEU D 69 3.69 -11.15 -2.23
C LEU D 69 2.59 -10.10 -2.04
N TYR D 70 2.19 -9.84 -0.79
CA TYR D 70 1.30 -8.72 -0.36
C TYR D 70 1.79 -7.40 -0.96
N ASN D 71 3.09 -7.10 -0.92
CA ASN D 71 3.70 -5.83 -1.43
C ASN D 71 3.81 -5.78 -2.97
N MET D 72 4.37 -6.84 -3.60
CA MET D 72 4.76 -6.82 -5.04
C MET D 72 3.67 -7.36 -5.98
N ASN D 73 2.55 -7.93 -5.50
CA ASN D 73 1.54 -8.48 -6.45
C ASN D 73 0.80 -7.29 -7.07
N ASN D 74 0.54 -7.35 -8.36
CA ASN D 74 -0.11 -6.27 -9.15
C ASN D 74 0.83 -5.07 -9.26
N PHE D 75 2.09 -5.16 -8.80
CA PHE D 75 3.09 -4.07 -8.99
C PHE D 75 3.22 -3.78 -10.48
N GLU D 76 3.17 -2.51 -10.88
CA GLU D 76 3.28 -2.10 -12.29
C GLU D 76 4.76 -1.86 -12.64
N LEU D 77 5.38 -2.79 -13.34
CA LEU D 77 6.85 -2.75 -13.66
C LEU D 77 6.95 -2.51 -15.17
N ASN D 78 7.69 -1.49 -15.59
CA ASN D 78 7.85 -1.16 -17.02
C ASN D 78 6.50 -1.16 -17.75
N GLY D 79 5.43 -0.70 -17.12
CA GLY D 79 4.10 -0.55 -17.72
C GLY D 79 3.21 -1.78 -17.59
N LYS D 80 3.68 -2.87 -16.98
CA LYS D 80 2.93 -4.17 -16.92
C LYS D 80 2.77 -4.66 -15.48
N ARG D 81 1.54 -4.97 -15.07
CA ARG D 81 1.26 -5.46 -13.71
C ARG D 81 1.80 -6.89 -13.61
N ILE D 82 2.59 -7.16 -12.56
CA ILE D 82 3.19 -8.50 -12.28
C ILE D 82 2.30 -9.26 -11.31
N HIS D 83 2.16 -10.56 -11.54
CA HIS D 83 1.57 -11.51 -10.57
C HIS D 83 2.68 -12.09 -9.70
N VAL D 84 2.53 -12.07 -8.37
CA VAL D 84 3.49 -12.74 -7.44
C VAL D 84 2.69 -13.75 -6.63
N ASN D 85 3.16 -14.98 -6.59
CA ASN D 85 2.40 -16.08 -5.97
C ASN D 85 3.41 -16.98 -5.28
N TYR D 86 2.93 -17.79 -4.34
CA TYR D 86 3.74 -18.86 -3.69
C TYR D 86 4.01 -19.92 -4.76
N SER D 87 5.26 -20.29 -5.00
CA SER D 87 5.67 -21.35 -5.96
C SER D 87 5.78 -22.70 -5.24
N LYS D 88 5.04 -23.69 -5.73
CA LYS D 88 5.22 -25.11 -5.35
C LYS D 88 4.58 -25.95 -6.46
#